data_8IM0
#
_entry.id   8IM0
#
_cell.length_a   63.075
_cell.length_b   75.310
_cell.length_c   83.625
_cell.angle_alpha   90.00
_cell.angle_beta   90.00
_cell.angle_gamma   90.00
#
_symmetry.space_group_name_H-M   'P 21 21 21'
#
loop_
_entity.id
_entity.type
_entity.pdbx_description
1 polymer 'MCherry fluorescent protein'
2 polymer LaM8
3 water water
#
loop_
_entity_poly.entity_id
_entity_poly.type
_entity_poly.pdbx_seq_one_letter_code
_entity_poly.pdbx_strand_id
1 'polypeptide(L)'
;GMVSKGEEDNMAIIKEFMRFKVHMEGSVNGHEFEIEGEGEGRPYEGTQTAKLKVTKGGPLPFAWDILSPQF(CH6)SKAY
VKHPADIPDYLKLSFPEGFKWERVMNFEDGGVVTVTQDSSLQDGEFIYKVKLRGTNFPSDGPVMQKKTMGWEASSERMYP
EDGALKGEIKQRLKLKDGGHYDAEVKTTYKAKKPVQLPGAYNVNIKLDITSHNEDYTIVEQYERAEGRHSTGGMDELYK
;
A
2 'polypeptide(L)'
;GSAQVQLVESGGGLVQAGGSLRLSCAVSGRPFSEYNLGWFRQAPGKEREFVARIRSSGTTVYTDSVKGRFSASRDNAKNM
GYLQLNSLEPEDTAVYYCAMSRVDTDSPAFYDYWGQGTQVTVSTPRS
;
B
#
# COMPACT_ATOMS: atom_id res chain seq x y z
N ALA A 12 1.65 2.60 31.72
CA ALA A 12 1.29 2.29 30.33
C ALA A 12 2.11 3.17 29.38
N ILE A 13 2.68 2.57 28.36
CA ILE A 13 3.48 3.28 27.37
C ILE A 13 2.75 3.38 26.03
N ILE A 14 2.36 2.24 25.47
CA ILE A 14 1.57 2.21 24.23
C ILE A 14 0.30 1.43 24.52
N LYS A 15 -0.83 2.09 24.29
CA LYS A 15 -2.15 1.46 24.40
C LYS A 15 -2.62 1.02 23.01
N GLU A 16 -3.75 0.31 22.99
CA GLU A 16 -4.30 -0.18 21.73
C GLU A 16 -4.92 0.93 20.88
N PHE A 17 -5.15 2.11 21.46
CA PHE A 17 -5.55 3.29 20.72
C PHE A 17 -4.60 4.39 21.14
N MET A 18 -4.03 5.10 20.16
CA MET A 18 -3.06 6.18 20.41
C MET A 18 -3.29 7.33 19.45
N ARG A 19 -3.19 8.55 19.97
CA ARG A 19 -3.19 9.77 19.18
C ARG A 19 -1.77 10.26 18.94
N PHE A 20 -1.63 11.10 17.91
CA PHE A 20 -0.35 11.75 17.62
C PHE A 20 -0.58 13.18 17.15
N LYS A 21 0.48 13.98 17.29
CA LYS A 21 0.55 15.32 16.72
C LYS A 21 1.80 15.41 15.86
N VAL A 22 1.72 16.13 14.75
CA VAL A 22 2.84 16.23 13.83
C VAL A 22 3.05 17.67 13.38
N HIS A 23 4.32 18.06 13.27
CA HIS A 23 4.71 19.34 12.69
C HIS A 23 5.76 19.05 11.63
N MET A 24 5.60 19.63 10.44
CA MET A 24 6.64 19.52 9.42
C MET A 24 7.03 20.91 8.93
N GLU A 25 8.33 21.12 8.75
CA GLU A 25 8.85 22.29 8.06
C GLU A 25 9.61 21.79 6.84
N GLY A 26 9.35 22.41 5.71
CA GLY A 26 9.89 21.88 4.47
C GLY A 26 10.15 22.95 3.43
N SER A 27 10.87 22.53 2.41
CA SER A 27 11.09 23.31 1.20
C SER A 27 11.14 22.34 0.03
N VAL A 28 10.43 22.65 -1.04
CA VAL A 28 10.46 21.86 -2.27
C VAL A 28 10.72 22.80 -3.43
N ASN A 29 11.81 22.57 -4.15
CA ASN A 29 12.25 23.46 -5.24
C ASN A 29 12.27 24.92 -4.77
N GLY A 30 12.72 25.13 -3.54
CA GLY A 30 12.85 26.47 -2.98
C GLY A 30 11.60 27.05 -2.35
N HIS A 31 10.45 26.38 -2.46
CA HIS A 31 9.22 26.89 -1.88
C HIS A 31 9.10 26.40 -0.43
N GLU A 32 9.16 27.32 0.52
CA GLU A 32 9.14 26.98 1.94
C GLU A 32 7.70 26.90 2.45
N PHE A 33 7.49 25.98 3.41
CA PHE A 33 6.15 25.78 3.96
C PHE A 33 6.25 25.12 5.32
N GLU A 34 5.12 25.15 6.04
CA GLU A 34 4.96 24.42 7.28
C GLU A 34 3.59 23.76 7.30
N ILE A 35 3.52 22.60 7.95
CA ILE A 35 2.29 21.83 8.09
C ILE A 35 2.14 21.41 9.54
N GLU A 36 0.90 21.45 10.05
CA GLU A 36 0.58 20.95 11.36
C GLU A 36 -0.54 19.94 11.24
N GLY A 37 -0.48 18.89 12.03
CA GLY A 37 -1.48 17.84 11.91
C GLY A 37 -1.70 17.09 13.21
N GLU A 38 -2.77 16.31 13.17
CA GLU A 38 -3.16 15.46 14.29
C GLU A 38 -3.67 14.15 13.72
N GLY A 39 -3.37 13.05 14.40
CA GLY A 39 -3.75 11.74 13.91
C GLY A 39 -4.13 10.83 15.06
N GLU A 40 -4.59 9.64 14.69
CA GLU A 40 -4.96 8.63 15.67
C GLU A 40 -4.99 7.28 14.99
N GLY A 41 -4.91 6.22 15.80
CA GLY A 41 -4.97 4.90 15.23
C GLY A 41 -4.81 3.84 16.28
N ARG A 42 -4.64 2.61 15.78
CA ARG A 42 -4.62 1.42 16.62
C ARG A 42 -3.29 0.74 16.32
N PRO A 43 -2.27 0.95 17.16
CA PRO A 43 -0.90 0.57 16.77
C PRO A 43 -0.70 -0.90 16.57
N TYR A 44 -1.43 -1.75 17.27
CA TYR A 44 -1.25 -3.19 17.11
C TYR A 44 -2.08 -3.76 15.97
N GLU A 45 -3.07 -3.01 15.49
CA GLU A 45 -3.84 -3.39 14.32
C GLU A 45 -3.25 -2.84 13.03
N GLY A 46 -2.34 -1.86 13.12
CA GLY A 46 -1.69 -1.33 11.94
C GLY A 46 -2.48 -0.32 11.14
N THR A 47 -3.43 0.38 11.77
CA THR A 47 -4.28 1.32 11.04
C THR A 47 -4.21 2.69 11.71
N GLN A 48 -4.29 3.75 10.90
CA GLN A 48 -4.24 5.10 11.45
C GLN A 48 -4.79 6.09 10.42
N THR A 49 -5.17 7.26 10.93
CA THR A 49 -5.60 8.37 10.09
C THR A 49 -4.91 9.64 10.58
N ALA A 50 -4.90 10.64 9.70
CA ALA A 50 -4.39 11.95 10.11
C ALA A 50 -5.09 13.05 9.32
N LYS A 51 -5.16 14.22 9.94
CA LYS A 51 -5.65 15.42 9.28
C LYS A 51 -4.53 16.46 9.33
N LEU A 52 -4.12 16.92 8.15
CA LEU A 52 -2.99 17.83 8.01
C LEU A 52 -3.48 19.17 7.47
N LYS A 53 -2.86 20.25 7.95
CA LYS A 53 -3.18 21.60 7.49
C LYS A 53 -1.91 22.33 7.13
N VAL A 54 -1.88 22.93 5.94
CA VAL A 54 -0.78 23.83 5.57
C VAL A 54 -0.95 25.15 6.32
N THR A 55 -0.01 25.45 7.21
CA THR A 55 -0.10 26.64 8.06
C THR A 55 0.77 27.80 7.58
N LYS A 56 1.79 27.53 6.76
CA LYS A 56 2.62 28.57 6.16
C LYS A 56 3.00 28.13 4.75
N GLY A 57 3.00 29.08 3.83
CA GLY A 57 3.41 28.79 2.47
C GLY A 57 2.35 28.19 1.58
N GLY A 58 1.09 28.17 2.01
CA GLY A 58 0.02 27.64 1.20
C GLY A 58 -0.57 28.67 0.28
N PRO A 59 -1.14 28.24 -0.85
CA PRO A 59 -1.19 26.86 -1.37
C PRO A 59 0.17 26.39 -1.86
N LEU A 60 0.42 25.09 -1.76
CA LEU A 60 1.70 24.55 -2.21
C LEU A 60 1.70 24.45 -3.73
N PRO A 61 2.83 24.71 -4.39
CA PRO A 61 2.88 24.63 -5.86
C PRO A 61 3.22 23.26 -6.41
N PHE A 62 3.19 22.21 -5.59
CA PHE A 62 3.64 20.87 -5.96
C PHE A 62 2.65 19.84 -5.40
N ALA A 63 2.79 18.61 -5.88
CA ALA A 63 1.91 17.50 -5.52
C ALA A 63 1.99 17.15 -4.03
N TRP A 64 0.84 17.08 -3.38
CA TRP A 64 0.75 16.61 -2.00
C TRP A 64 1.37 15.24 -1.82
N ASP A 65 1.29 14.39 -2.84
CA ASP A 65 1.67 12.98 -2.70
C ASP A 65 3.13 12.81 -2.26
N ILE A 66 4.02 13.76 -2.56
CA ILE A 66 5.41 13.59 -2.10
C ILE A 66 5.54 13.79 -0.60
N LEU A 67 4.57 14.46 0.02
CA LEU A 67 4.57 14.69 1.46
C LEU A 67 3.85 13.60 2.25
N SER A 68 2.87 12.94 1.64
CA SER A 68 2.00 12.05 2.40
C SER A 68 2.72 10.93 3.14
N PRO A 69 3.77 10.29 2.60
CA PRO A 69 4.45 9.22 3.36
C PRO A 69 5.30 9.73 4.51
N GLN A 70 5.37 11.05 4.75
CA GLN A 70 6.20 11.53 5.85
C GLN A 70 5.41 11.74 7.13
N PHE A 71 4.10 11.61 7.09
CA PHE A 71 3.26 11.92 8.26
C PHE A 71 2.92 10.73 9.18
N SER A 73 4.86 7.04 10.36
CA SER A 73 4.26 6.80 11.65
C SER A 73 4.31 5.28 11.87
N LYS A 74 5.53 4.76 11.93
CA LYS A 74 5.75 3.31 11.94
C LYS A 74 5.58 2.65 13.30
N ALA A 75 5.20 3.40 14.34
CA ALA A 75 4.70 2.77 15.55
C ALA A 75 3.36 2.08 15.32
N TYR A 76 2.69 2.37 14.20
CA TYR A 76 1.40 1.78 13.89
C TYR A 76 1.53 0.73 12.78
N VAL A 77 2.39 -0.24 12.97
CA VAL A 77 2.53 -1.38 12.05
C VAL A 77 2.16 -2.64 12.82
N LYS A 78 1.22 -3.41 12.29
CA LYS A 78 0.90 -4.70 12.89
C LYS A 78 2.04 -5.68 12.64
N HIS A 79 2.58 -6.26 13.71
CA HIS A 79 3.69 -7.20 13.60
C HIS A 79 3.29 -8.59 14.08
N PRO A 80 3.75 -9.64 13.38
CA PRO A 80 3.63 -10.99 13.92
C PRO A 80 4.35 -11.10 15.24
N ALA A 81 3.89 -12.02 16.08
CA ALA A 81 4.39 -12.15 17.45
C ALA A 81 5.89 -12.46 17.49
N ASP A 82 6.41 -13.13 16.46
CA ASP A 82 7.82 -13.53 16.45
C ASP A 82 8.75 -12.56 15.73
N ILE A 83 8.28 -11.39 15.32
CA ILE A 83 9.13 -10.35 14.77
C ILE A 83 9.19 -9.21 15.77
N PRO A 84 10.34 -8.95 16.41
CA PRO A 84 10.43 -7.83 17.36
C PRO A 84 9.97 -6.51 16.74
N ASP A 85 9.06 -5.82 17.45
CA ASP A 85 8.52 -4.54 17.00
C ASP A 85 9.42 -3.43 17.54
N TYR A 86 10.57 -3.27 16.87
CA TYR A 86 11.65 -2.39 17.31
C TYR A 86 11.16 -0.97 17.59
N LEU A 87 10.37 -0.41 16.68
CA LEU A 87 9.94 0.97 16.85
C LEU A 87 8.94 1.13 18.01
N LYS A 88 8.08 0.14 18.25
CA LYS A 88 7.26 0.22 19.45
C LYS A 88 8.12 0.12 20.70
N LEU A 89 9.09 -0.81 20.70
CA LEU A 89 9.94 -1.01 21.87
C LEU A 89 10.81 0.20 22.18
N SER A 90 11.02 1.09 21.21
CA SER A 90 11.82 2.28 21.45
C SER A 90 11.16 3.25 22.43
N PHE A 91 9.85 3.15 22.62
CA PHE A 91 9.18 4.06 23.54
C PHE A 91 9.37 3.60 24.97
N PRO A 92 9.33 4.53 25.95
CA PRO A 92 8.85 5.93 25.85
C PRO A 92 9.79 6.93 25.18
N GLU A 93 11.08 6.63 25.07
CA GLU A 93 12.03 7.61 24.52
C GLU A 93 11.73 7.91 23.06
N GLY A 94 11.49 6.87 22.27
CA GLY A 94 11.19 7.04 20.86
C GLY A 94 12.37 6.77 19.95
N PHE A 95 12.29 7.34 18.76
CA PHE A 95 13.23 7.01 17.70
C PHE A 95 13.34 8.16 16.73
N LYS A 96 14.32 8.08 15.85
CA LYS A 96 14.50 9.03 14.77
C LYS A 96 14.59 8.26 13.46
N TRP A 97 14.24 8.92 12.37
CA TRP A 97 14.42 8.32 11.05
C TRP A 97 14.94 9.34 10.05
N GLU A 98 15.66 8.83 9.05
CA GLU A 98 16.20 9.64 7.97
C GLU A 98 15.93 8.92 6.66
N ARG A 99 15.41 9.64 5.68
CA ARG A 99 14.92 9.04 4.45
C ARG A 99 15.44 9.81 3.24
N VAL A 100 15.73 9.08 2.16
CA VAL A 100 15.99 9.69 0.86
C VAL A 100 15.07 9.03 -0.17
N MET A 101 14.34 9.84 -0.91
CA MET A 101 13.55 9.38 -2.05
C MET A 101 14.16 9.89 -3.34
N ASN A 102 14.53 8.97 -4.21
CA ASN A 102 15.13 9.30 -5.50
C ASN A 102 14.10 9.01 -6.58
N PHE A 103 13.53 10.04 -7.17
CA PHE A 103 12.50 9.87 -8.19
C PHE A 103 13.10 9.63 -9.57
N GLU A 104 12.33 8.99 -10.44
CA GLU A 104 12.85 8.53 -11.73
C GLU A 104 13.36 9.67 -12.61
N ASP A 105 12.81 10.87 -12.47
CA ASP A 105 13.21 12.00 -13.30
C ASP A 105 14.26 12.87 -12.62
N GLY A 106 14.83 12.41 -11.52
CA GLY A 106 15.92 13.13 -10.89
C GLY A 106 15.52 14.01 -9.72
N GLY A 107 14.22 14.15 -9.44
CA GLY A 107 13.83 14.80 -8.20
C GLY A 107 14.33 14.02 -7.00
N VAL A 108 14.66 14.74 -5.94
CA VAL A 108 15.16 14.14 -4.70
C VAL A 108 14.42 14.74 -3.52
N VAL A 109 14.00 13.90 -2.58
CA VAL A 109 13.44 14.35 -1.32
C VAL A 109 14.25 13.73 -0.18
N THR A 110 14.73 14.59 0.73
CA THR A 110 15.46 14.14 1.91
C THR A 110 14.63 14.53 3.13
N VAL A 111 14.50 13.61 4.07
CA VAL A 111 13.61 13.80 5.22
C VAL A 111 14.33 13.35 6.48
N THR A 112 14.20 14.14 7.56
CA THR A 112 14.60 13.69 8.89
C THR A 112 13.43 13.87 9.84
N GLN A 113 13.34 12.98 10.84
CA GLN A 113 12.16 12.94 11.68
C GLN A 113 12.54 12.51 13.08
N ASP A 114 11.87 13.12 14.07
CA ASP A 114 11.98 12.69 15.45
C ASP A 114 10.61 12.27 15.98
N SER A 115 10.55 11.13 16.65
CA SER A 115 9.32 10.63 17.24
C SER A 115 9.51 10.45 18.74
N SER A 116 8.61 11.03 19.54
CA SER A 116 8.68 10.97 21.00
C SER A 116 7.29 10.74 21.55
N LEU A 117 7.21 10.59 22.87
CA LEU A 117 5.95 10.31 23.55
C LEU A 117 5.82 11.32 24.67
N GLN A 118 4.72 12.05 24.69
CA GLN A 118 4.51 13.10 25.69
C GLN A 118 3.06 13.06 26.12
N ASP A 119 2.83 12.87 27.42
CA ASP A 119 1.47 12.89 27.97
C ASP A 119 0.54 11.94 27.22
N GLY A 120 1.05 10.75 26.91
CA GLY A 120 0.24 9.71 26.32
C GLY A 120 -0.02 9.83 24.84
N GLU A 121 0.59 10.80 24.15
CA GLU A 121 0.44 10.94 22.71
C GLU A 121 1.80 10.96 22.03
N PHE A 122 1.87 10.39 20.82
CA PHE A 122 3.11 10.47 20.06
C PHE A 122 3.26 11.87 19.49
N ILE A 123 4.50 12.35 19.44
CA ILE A 123 4.84 13.68 18.93
C ILE A 123 5.86 13.49 17.81
N TYR A 124 5.53 13.99 16.63
CA TYR A 124 6.37 13.83 15.45
C TYR A 124 6.83 15.20 14.97
N LYS A 125 8.12 15.30 14.67
CA LYS A 125 8.70 16.52 14.10
C LYS A 125 9.46 16.14 12.84
N VAL A 126 9.10 16.77 11.72
CA VAL A 126 9.60 16.38 10.40
C VAL A 126 10.28 17.57 9.74
N LYS A 127 11.43 17.32 9.13
CA LYS A 127 12.11 18.32 8.29
C LYS A 127 12.31 17.72 6.91
N LEU A 128 11.93 18.45 5.87
CA LEU A 128 11.91 17.91 4.52
C LEU A 128 12.52 18.89 3.53
N ARG A 129 13.33 18.38 2.61
CA ARG A 129 13.90 19.19 1.53
C ARG A 129 13.74 18.42 0.22
N GLY A 130 13.06 19.02 -0.73
CA GLY A 130 12.93 18.46 -2.07
C GLY A 130 13.63 19.37 -3.09
N THR A 131 14.34 18.76 -4.04
CA THR A 131 15.11 19.52 -5.01
C THR A 131 15.04 18.84 -6.37
N ASN A 132 15.31 19.63 -7.40
CA ASN A 132 15.55 19.13 -8.76
C ASN A 132 14.32 18.46 -9.37
N PHE A 133 13.13 18.85 -8.96
CA PHE A 133 11.93 18.37 -9.67
C PHE A 133 11.76 19.16 -10.96
N PRO A 134 11.70 18.52 -12.12
CA PRO A 134 11.58 19.28 -13.37
C PRO A 134 10.31 20.13 -13.38
N SER A 135 10.40 21.32 -13.98
CA SER A 135 9.28 22.26 -13.94
C SER A 135 8.04 21.72 -14.64
N ASP A 136 8.22 20.85 -15.64
CA ASP A 136 7.10 20.28 -16.35
C ASP A 136 6.82 18.84 -15.96
N GLY A 137 7.44 18.37 -14.87
CA GLY A 137 7.20 17.03 -14.38
C GLY A 137 5.93 16.95 -13.57
N PRO A 138 5.55 15.72 -13.21
CA PRO A 138 4.26 15.52 -12.55
C PRO A 138 4.18 16.07 -11.14
N VAL A 139 5.30 16.23 -10.45
CA VAL A 139 5.27 16.77 -9.10
C VAL A 139 4.98 18.27 -9.12
N MET A 140 5.75 19.04 -9.91
CA MET A 140 5.51 20.48 -9.97
C MET A 140 4.24 20.82 -10.73
N GLN A 141 3.72 19.93 -11.57
CA GLN A 141 2.49 20.21 -12.29
C GLN A 141 1.26 19.60 -11.63
N LYS A 142 1.41 18.95 -10.49
CA LYS A 142 0.30 18.36 -9.74
C LYS A 142 -0.50 17.38 -10.60
N LYS A 143 0.21 16.42 -11.20
CA LYS A 143 -0.39 15.44 -12.09
C LYS A 143 -0.40 14.03 -11.51
N THR A 144 -0.24 13.89 -10.20
CA THR A 144 -0.23 12.59 -9.55
C THR A 144 -1.57 12.33 -8.89
N MET A 145 -1.85 11.06 -8.62
CA MET A 145 -3.11 10.71 -7.94
C MET A 145 -2.93 9.48 -7.04
N GLY A 146 -2.00 9.59 -6.11
CA GLY A 146 -1.90 8.64 -5.03
C GLY A 146 -0.90 7.54 -5.30
N TRP A 147 -0.45 6.92 -4.21
CA TRP A 147 0.54 5.84 -4.24
C TRP A 147 -0.14 4.49 -4.44
N GLU A 148 0.53 3.63 -5.20
CA GLU A 148 0.17 2.20 -5.16
C GLU A 148 0.68 1.59 -3.86
N ALA A 149 0.04 0.49 -3.44
CA ALA A 149 0.48 -0.22 -2.25
C ALA A 149 1.95 -0.62 -2.39
N SER A 150 2.70 -0.48 -1.29
CA SER A 150 4.15 -0.65 -1.25
C SER A 150 4.52 -1.85 -0.38
N SER A 151 5.65 -2.47 -0.68
CA SER A 151 6.25 -3.43 0.23
C SER A 151 7.66 -2.95 0.58
N GLU A 152 7.90 -2.67 1.86
CA GLU A 152 9.18 -2.16 2.30
C GLU A 152 10.01 -3.34 2.82
N ARG A 153 11.18 -3.54 2.25
CA ARG A 153 12.11 -4.58 2.70
C ARG A 153 12.88 -4.03 3.89
N MET A 154 12.67 -4.62 5.07
CA MET A 154 13.31 -4.18 6.32
C MET A 154 14.45 -5.12 6.66
N TYR A 155 15.53 -4.56 7.21
CA TYR A 155 16.66 -5.40 7.58
C TYR A 155 17.53 -4.65 8.57
N PRO A 156 18.13 -5.35 9.52
CA PRO A 156 19.07 -4.71 10.45
C PRO A 156 20.41 -4.45 9.78
N GLU A 157 21.00 -3.29 10.10
CA GLU A 157 22.33 -2.95 9.57
C GLU A 157 22.94 -1.85 10.42
N ASP A 158 24.18 -2.07 10.86
CA ASP A 158 24.97 -1.05 11.56
C ASP A 158 24.33 -0.65 12.90
N GLY A 159 23.57 -1.56 13.50
CA GLY A 159 22.87 -1.28 14.74
C GLY A 159 21.57 -0.53 14.60
N ALA A 160 21.11 -0.32 13.37
CA ALA A 160 19.85 0.35 13.08
C ALA A 160 18.97 -0.57 12.27
N LEU A 161 17.72 -0.15 12.08
CA LEU A 161 16.78 -0.84 11.22
C LEU A 161 16.65 -0.04 9.92
N LYS A 162 16.85 -0.70 8.79
CA LYS A 162 16.78 -0.02 7.50
C LYS A 162 15.62 -0.58 6.67
N GLY A 163 15.10 0.26 5.79
CA GLY A 163 14.05 -0.15 4.88
C GLY A 163 14.33 0.36 3.49
N GLU A 164 13.94 -0.44 2.49
CA GLU A 164 14.05 -0.05 1.10
C GLU A 164 12.73 -0.32 0.39
N ILE A 165 12.28 0.64 -0.40
CA ILE A 165 11.01 0.53 -1.12
C ILE A 165 11.22 0.93 -2.57
N LYS A 166 10.65 0.15 -3.48
CA LYS A 166 10.39 0.57 -4.85
C LYS A 166 8.96 1.11 -4.86
N GLN A 167 8.81 2.42 -4.78
CA GLN A 167 7.51 3.06 -4.62
C GLN A 167 7.00 3.57 -5.97
N ARG A 168 5.68 3.55 -6.15
CA ARG A 168 5.08 3.89 -7.45
C ARG A 168 3.89 4.82 -7.26
N LEU A 169 3.97 6.01 -7.86
CA LEU A 169 2.87 6.97 -7.87
C LEU A 169 2.05 6.79 -9.13
N LYS A 170 0.73 6.86 -8.98
CA LYS A 170 -0.17 6.91 -10.12
C LYS A 170 -0.18 8.31 -10.71
N LEU A 171 -0.24 8.38 -12.05
CA LEU A 171 -0.40 9.64 -12.75
C LEU A 171 -1.85 9.80 -13.20
N LYS A 172 -2.33 11.04 -13.23
CA LYS A 172 -3.71 11.32 -13.64
C LYS A 172 -3.97 10.88 -15.07
N ASP A 173 -2.95 10.87 -15.92
CA ASP A 173 -3.13 10.47 -17.32
C ASP A 173 -3.11 8.95 -17.51
N GLY A 174 -2.98 8.19 -16.44
CA GLY A 174 -3.01 6.75 -16.52
C GLY A 174 -1.65 6.09 -16.41
N GLY A 175 -0.57 6.86 -16.49
CA GLY A 175 0.77 6.32 -16.36
C GLY A 175 1.19 6.20 -14.90
N HIS A 176 2.49 6.01 -14.71
CA HIS A 176 3.04 5.86 -13.36
C HIS A 176 4.40 6.54 -13.27
N TYR A 177 4.84 6.78 -12.04
CA TYR A 177 6.02 7.59 -11.78
C TYR A 177 6.68 7.01 -10.54
N ASP A 178 7.92 6.54 -10.65
CA ASP A 178 8.53 5.70 -9.63
C ASP A 178 9.57 6.44 -8.79
N ALA A 179 9.79 5.93 -7.58
CA ALA A 179 10.86 6.42 -6.71
C ALA A 179 11.50 5.23 -6.01
N GLU A 180 12.80 5.33 -5.75
CA GLU A 180 13.53 4.40 -4.90
C GLU A 180 13.72 5.08 -3.56
N VAL A 181 13.27 4.44 -2.49
CA VAL A 181 13.24 5.06 -1.16
C VAL A 181 14.09 4.23 -0.21
N LYS A 182 14.97 4.90 0.53
CA LYS A 182 15.75 4.24 1.57
C LYS A 182 15.60 5.03 2.87
N THR A 183 15.36 4.30 3.97
CA THR A 183 15.15 4.92 5.28
C THR A 183 15.96 4.17 6.32
N THR A 184 16.54 4.93 7.25
CA THR A 184 17.20 4.37 8.42
C THR A 184 16.44 4.80 9.66
N TYR A 185 16.06 3.83 10.49
CA TYR A 185 15.33 4.04 11.72
C TYR A 185 16.24 3.69 12.90
N LYS A 186 16.35 4.60 13.88
CA LYS A 186 17.26 4.39 15.00
C LYS A 186 16.55 4.72 16.31
N ALA A 187 16.39 3.72 17.18
CA ALA A 187 15.87 3.97 18.51
C ALA A 187 16.81 4.86 19.30
N LYS A 188 16.24 5.70 20.16
CA LYS A 188 17.08 6.61 20.96
C LYS A 188 17.89 5.85 22.01
N LYS A 189 17.33 4.79 22.56
CA LYS A 189 18.07 3.91 23.44
C LYS A 189 18.08 2.50 22.85
N PRO A 190 19.09 1.70 23.15
CA PRO A 190 19.20 0.38 22.49
C PRO A 190 18.02 -0.52 22.85
N VAL A 191 17.37 -1.05 21.81
CA VAL A 191 16.35 -2.09 21.98
C VAL A 191 16.53 -3.14 20.89
N GLN A 192 15.79 -4.25 21.01
CA GLN A 192 16.06 -5.44 20.22
C GLN A 192 15.66 -5.23 18.77
N LEU A 193 16.59 -5.46 17.86
CA LEU A 193 16.36 -5.38 16.44
C LEU A 193 15.74 -6.68 15.92
N PRO A 194 14.91 -6.59 14.89
CA PRO A 194 14.40 -7.80 14.23
C PRO A 194 15.42 -8.33 13.22
N GLY A 195 15.09 -9.50 12.66
CA GLY A 195 15.71 -9.97 11.44
C GLY A 195 15.07 -9.29 10.24
N ALA A 196 15.40 -9.79 9.06
CA ALA A 196 14.83 -9.21 7.85
C ALA A 196 13.38 -9.66 7.66
N TYR A 197 12.55 -8.74 7.18
CA TYR A 197 11.13 -9.01 6.94
C TYR A 197 10.60 -7.93 6.01
N ASN A 198 9.32 -8.02 5.66
CA ASN A 198 8.65 -7.06 4.80
C ASN A 198 7.54 -6.34 5.55
N VAL A 199 7.33 -5.07 5.20
CA VAL A 199 6.18 -4.32 5.71
C VAL A 199 5.34 -3.89 4.51
N ASN A 200 4.09 -4.35 4.48
CA ASN A 200 3.16 -4.00 3.42
C ASN A 200 2.35 -2.78 3.85
N ILE A 201 2.25 -1.79 2.98
CA ILE A 201 1.71 -0.48 3.32
C ILE A 201 0.74 -0.06 2.23
N LYS A 202 -0.41 0.46 2.62
CA LYS A 202 -1.27 1.17 1.66
C LYS A 202 -1.73 2.47 2.27
N LEU A 203 -1.40 3.56 1.59
CA LEU A 203 -1.67 4.91 2.07
C LEU A 203 -2.67 5.56 1.12
N ASP A 204 -3.78 6.09 1.67
CA ASP A 204 -4.84 6.71 0.88
C ASP A 204 -5.08 8.15 1.32
N ILE A 205 -5.29 9.04 0.35
CA ILE A 205 -5.82 10.37 0.63
C ILE A 205 -7.34 10.23 0.64
N THR A 206 -7.94 10.44 1.79
CA THR A 206 -9.37 10.19 1.91
C THR A 206 -10.21 11.44 1.70
N SER A 207 -9.63 12.62 1.89
CA SER A 207 -10.35 13.85 1.57
C SER A 207 -9.35 14.98 1.47
N HIS A 208 -9.75 16.03 0.77
CA HIS A 208 -8.92 17.23 0.67
C HIS A 208 -9.80 18.38 0.23
N ASN A 209 -9.40 19.59 0.64
CA ASN A 209 -10.05 20.78 0.09
C ASN A 209 -9.47 21.10 -1.29
N GLU A 210 -9.99 22.16 -1.91
CA GLU A 210 -9.72 22.39 -3.32
C GLU A 210 -8.24 22.60 -3.61
N ASP A 211 -7.53 23.30 -2.74
CA ASP A 211 -6.12 23.59 -2.98
C ASP A 211 -5.18 22.75 -2.12
N TYR A 212 -5.67 21.67 -1.52
CA TYR A 212 -4.84 20.76 -0.72
C TYR A 212 -4.14 21.46 0.44
N THR A 213 -4.82 22.46 1.03
CA THR A 213 -4.33 23.05 2.27
C THR A 213 -4.90 22.37 3.51
N ILE A 214 -5.92 21.52 3.34
CA ILE A 214 -6.42 20.65 4.40
C ILE A 214 -6.58 19.28 3.75
N VAL A 215 -5.95 18.27 4.34
CA VAL A 215 -5.89 16.94 3.72
C VAL A 215 -6.05 15.90 4.83
N GLU A 216 -6.83 14.85 4.54
CA GLU A 216 -6.95 13.70 5.44
C GLU A 216 -6.40 12.45 4.76
N GLN A 217 -5.71 11.62 5.56
CA GLN A 217 -5.04 10.42 5.09
C GLN A 217 -5.43 9.23 5.95
N TYR A 218 -5.31 8.05 5.36
CA TYR A 218 -5.49 6.77 6.05
C TYR A 218 -4.35 5.85 5.63
N GLU A 219 -3.80 5.10 6.58
CA GLU A 219 -2.74 4.15 6.24
C GLU A 219 -2.95 2.83 6.95
N ARG A 220 -2.77 1.74 6.22
CA ARG A 220 -2.74 0.40 6.80
C ARG A 220 -1.37 -0.20 6.55
N ALA A 221 -0.77 -0.78 7.59
CA ALA A 221 0.59 -1.32 7.47
C ALA A 221 0.71 -2.62 8.26
N GLU A 222 1.30 -3.64 7.66
CA GLU A 222 1.41 -4.94 8.32
C GLU A 222 2.73 -5.59 7.96
N GLY A 223 3.44 -6.05 8.99
CA GLY A 223 4.68 -6.79 8.79
C GLY A 223 4.43 -8.27 8.52
N ARG A 224 5.26 -8.84 7.65
CA ARG A 224 5.14 -10.23 7.24
C ARG A 224 6.53 -10.81 7.07
N HIS A 225 6.69 -12.10 7.33
CA HIS A 225 7.94 -12.76 7.02
C HIS A 225 8.19 -12.75 5.51
N SER A 226 9.47 -12.69 5.14
CA SER A 226 9.86 -12.71 3.73
C SER A 226 9.48 -14.03 3.08
N ALA B 3 -5.20 6.31 -21.54
CA ALA B 3 -6.31 5.75 -20.78
C ALA B 3 -5.87 5.29 -19.39
N GLN B 4 -6.85 5.10 -18.52
CA GLN B 4 -6.60 4.67 -17.15
C GLN B 4 -6.28 3.17 -17.09
N VAL B 5 -5.64 2.77 -15.98
CA VAL B 5 -5.42 1.35 -15.72
C VAL B 5 -6.75 0.65 -15.72
N GLN B 6 -6.81 -0.52 -16.36
CA GLN B 6 -8.04 -1.29 -16.43
C GLN B 6 -7.76 -2.78 -16.33
N LEU B 7 -8.61 -3.45 -15.55
CA LEU B 7 -8.66 -4.90 -15.46
C LEU B 7 -10.05 -5.33 -15.88
N VAL B 8 -10.14 -6.24 -16.84
CA VAL B 8 -11.43 -6.65 -17.41
C VAL B 8 -11.54 -8.17 -17.34
N GLU B 9 -12.46 -8.65 -16.52
CA GLU B 9 -12.71 -10.09 -16.44
C GLU B 9 -13.65 -10.53 -17.56
N SER B 10 -13.43 -11.75 -18.02
CA SER B 10 -14.36 -12.41 -18.93
C SER B 10 -14.31 -13.90 -18.66
N GLY B 11 -15.22 -14.63 -19.32
CA GLY B 11 -15.24 -16.07 -19.26
C GLY B 11 -16.30 -16.68 -18.37
N GLY B 12 -17.12 -15.87 -17.71
CA GLY B 12 -18.17 -16.38 -16.86
C GLY B 12 -19.38 -16.89 -17.63
N GLY B 13 -20.42 -17.22 -16.88
CA GLY B 13 -21.69 -17.65 -17.45
C GLY B 13 -22.40 -18.61 -16.51
N LEU B 14 -23.34 -19.34 -17.11
CA LEU B 14 -24.15 -20.32 -16.41
C LEU B 14 -23.75 -21.72 -16.88
N VAL B 15 -23.43 -22.59 -15.93
CA VAL B 15 -22.96 -23.95 -16.24
C VAL B 15 -23.57 -24.90 -15.25
N GLN B 16 -23.70 -26.15 -15.65
CA GLN B 16 -24.22 -27.16 -14.72
C GLN B 16 -23.10 -27.67 -13.81
N ALA B 17 -23.50 -28.11 -12.63
CA ALA B 17 -22.58 -28.69 -11.66
C ALA B 17 -21.72 -29.76 -12.31
N GLY B 18 -20.44 -29.78 -11.93
CA GLY B 18 -19.46 -30.63 -12.53
C GLY B 18 -18.77 -30.05 -13.74
N GLY B 19 -19.29 -28.96 -14.31
CA GLY B 19 -18.73 -28.36 -15.49
C GLY B 19 -17.55 -27.45 -15.19
N SER B 20 -17.13 -26.73 -16.24
CA SER B 20 -15.92 -25.92 -16.15
C SER B 20 -16.12 -24.60 -16.88
N LEU B 21 -15.37 -23.59 -16.43
CA LEU B 21 -15.29 -22.29 -17.07
C LEU B 21 -13.84 -21.85 -16.99
N ARG B 22 -13.43 -20.99 -17.91
CA ARG B 22 -12.08 -20.43 -17.87
C ARG B 22 -12.20 -18.93 -17.80
N LEU B 23 -11.93 -18.36 -16.63
CA LEU B 23 -11.98 -16.92 -16.46
C LEU B 23 -10.66 -16.31 -16.89
N SER B 24 -10.73 -15.08 -17.40
CA SER B 24 -9.51 -14.38 -17.77
C SER B 24 -9.62 -12.94 -17.29
N CYS B 25 -8.47 -12.32 -17.15
CA CYS B 25 -8.37 -10.93 -16.71
C CYS B 25 -7.37 -10.26 -17.64
N ALA B 26 -7.84 -9.31 -18.44
CA ALA B 26 -6.98 -8.55 -19.33
C ALA B 26 -6.58 -7.25 -18.66
N VAL B 27 -5.28 -6.98 -18.62
CA VAL B 27 -4.70 -5.85 -17.90
C VAL B 27 -4.16 -4.85 -18.90
N SER B 28 -4.49 -3.57 -18.72
CA SER B 28 -3.93 -2.51 -19.54
C SER B 28 -3.48 -1.37 -18.65
N GLY B 29 -2.40 -0.71 -19.04
CA GLY B 29 -1.93 0.50 -18.39
C GLY B 29 -0.76 0.34 -17.44
N ARG B 30 -0.28 -0.87 -17.21
CA ARG B 30 0.83 -1.12 -16.30
C ARG B 30 1.71 -2.23 -16.83
N PRO B 31 3.00 -2.31 -16.37
CA PRO B 31 3.85 -3.45 -16.72
C PRO B 31 3.43 -4.69 -15.95
N PHE B 32 2.60 -5.48 -16.62
CA PHE B 32 1.84 -6.54 -15.97
C PHE B 32 2.75 -7.54 -15.28
N SER B 33 3.90 -7.85 -15.89
CA SER B 33 4.80 -8.86 -15.33
C SER B 33 5.26 -8.52 -13.92
N GLU B 34 5.21 -7.25 -13.52
CA GLU B 34 5.65 -6.86 -12.18
C GLU B 34 4.62 -7.12 -11.10
N TYR B 35 3.36 -7.40 -11.45
CA TYR B 35 2.26 -7.43 -10.51
C TYR B 35 1.85 -8.87 -10.16
N ASN B 36 1.45 -9.05 -8.92
CA ASN B 36 0.72 -10.24 -8.49
C ASN B 36 -0.74 -10.08 -8.88
N LEU B 37 -1.38 -11.18 -9.29
CA LEU B 37 -2.77 -11.19 -9.68
C LEU B 37 -3.56 -12.04 -8.69
N GLY B 38 -4.50 -11.42 -7.99
CA GLY B 38 -5.37 -12.12 -7.06
C GLY B 38 -6.77 -12.26 -7.59
N TRP B 39 -7.45 -13.33 -7.16
CA TRP B 39 -8.82 -13.61 -7.53
C TRP B 39 -9.65 -13.72 -6.27
N PHE B 40 -10.81 -13.07 -6.28
CA PHE B 40 -11.74 -13.01 -5.17
C PHE B 40 -13.14 -13.32 -5.69
N ARG B 41 -14.05 -13.69 -4.80
CA ARG B 41 -15.41 -13.95 -5.23
C ARG B 41 -16.39 -13.49 -4.15
N GLN B 42 -17.57 -13.09 -4.58
CA GLN B 42 -18.61 -12.64 -3.65
C GLN B 42 -19.95 -13.21 -4.07
N ALA B 43 -20.54 -14.01 -3.23
CA ALA B 43 -21.86 -14.54 -3.51
C ALA B 43 -22.91 -13.65 -2.84
N PRO B 44 -24.15 -13.65 -3.33
CA PRO B 44 -25.15 -12.74 -2.76
C PRO B 44 -25.37 -13.00 -1.27
N GLY B 45 -25.39 -11.91 -0.50
CA GLY B 45 -25.58 -11.98 0.93
C GLY B 45 -24.34 -12.31 1.73
N LYS B 46 -23.24 -12.69 1.09
CA LYS B 46 -22.02 -13.03 1.81
C LYS B 46 -20.92 -12.01 1.53
N GLU B 47 -19.87 -12.08 2.36
CA GLU B 47 -18.72 -11.21 2.19
C GLU B 47 -17.81 -11.75 1.09
N ARG B 48 -17.08 -10.83 0.46
CA ARG B 48 -16.11 -11.21 -0.57
C ARG B 48 -14.96 -11.98 0.07
N GLU B 49 -14.48 -13.00 -0.64
CA GLU B 49 -13.48 -13.91 -0.08
C GLU B 49 -12.37 -14.17 -1.09
N PHE B 50 -11.16 -14.39 -0.56
CA PHE B 50 -10.02 -14.75 -1.39
C PHE B 50 -10.22 -16.13 -2.00
N VAL B 51 -9.85 -16.27 -3.28
CA VAL B 51 -9.92 -17.54 -4.01
C VAL B 51 -8.52 -18.08 -4.34
N ALA B 52 -7.70 -17.27 -5.01
CA ALA B 52 -6.42 -17.75 -5.50
C ALA B 52 -5.58 -16.55 -5.91
N ARG B 53 -4.27 -16.75 -5.97
CA ARG B 53 -3.43 -15.70 -6.56
C ARG B 53 -2.22 -16.34 -7.23
N ILE B 54 -1.69 -15.63 -8.22
CA ILE B 54 -0.43 -15.98 -8.86
C ILE B 54 0.52 -14.80 -8.69
N ARG B 55 1.68 -15.07 -8.12
CA ARG B 55 2.66 -14.03 -7.90
C ARG B 55 3.37 -13.68 -9.20
N SER B 56 4.03 -12.52 -9.19
CA SER B 56 4.88 -12.15 -10.32
C SER B 56 5.94 -13.22 -10.60
N SER B 57 6.38 -13.93 -9.55
CA SER B 57 7.36 -15.00 -9.68
C SER B 57 6.79 -16.28 -10.27
N GLY B 58 5.47 -16.41 -10.36
CA GLY B 58 4.85 -17.58 -10.95
C GLY B 58 4.34 -18.60 -9.95
N THR B 59 4.62 -18.43 -8.66
CA THR B 59 4.06 -19.31 -7.65
C THR B 59 2.61 -18.95 -7.38
N THR B 60 1.85 -19.93 -6.89
CA THR B 60 0.41 -19.78 -6.72
C THR B 60 -0.02 -20.17 -5.30
N VAL B 61 -1.13 -19.58 -4.86
CA VAL B 61 -1.74 -19.87 -3.56
C VAL B 61 -3.23 -20.01 -3.79
N TYR B 62 -3.85 -20.98 -3.11
CA TYR B 62 -5.29 -21.25 -3.23
C TYR B 62 -5.95 -21.30 -1.87
N THR B 63 -7.18 -20.81 -1.78
CA THR B 63 -7.97 -21.07 -0.60
C THR B 63 -8.32 -22.56 -0.53
N ASP B 64 -8.47 -23.06 0.70
CA ASP B 64 -8.56 -24.50 0.90
C ASP B 64 -9.73 -25.12 0.13
N SER B 65 -10.86 -24.40 0.03
CA SER B 65 -12.05 -24.99 -0.57
C SER B 65 -11.98 -25.18 -2.08
N VAL B 66 -10.94 -24.68 -2.76
CA VAL B 66 -10.82 -24.79 -4.20
C VAL B 66 -9.60 -25.58 -4.65
N LYS B 67 -8.80 -26.08 -3.71
CA LYS B 67 -7.56 -26.76 -4.10
C LYS B 67 -7.86 -27.97 -4.96
N GLY B 68 -7.08 -28.16 -6.01
CA GLY B 68 -7.28 -29.23 -6.94
C GLY B 68 -8.44 -29.06 -7.91
N ARG B 69 -9.26 -28.02 -7.76
CA ARG B 69 -10.33 -27.72 -8.69
C ARG B 69 -10.08 -26.48 -9.53
N PHE B 70 -9.51 -25.43 -8.93
CA PHE B 70 -9.25 -24.19 -9.65
C PHE B 70 -7.74 -24.04 -9.84
N SER B 71 -7.35 -23.43 -10.96
CA SER B 71 -5.94 -23.26 -11.31
C SER B 71 -5.70 -21.85 -11.84
N ALA B 72 -4.77 -21.11 -11.22
CA ALA B 72 -4.41 -19.77 -11.64
C ALA B 72 -3.14 -19.82 -12.49
N SER B 73 -3.14 -19.07 -13.58
CA SER B 73 -1.97 -18.99 -14.47
C SER B 73 -1.90 -17.59 -15.05
N ARG B 74 -0.85 -17.32 -15.82
CA ARG B 74 -0.69 -16.01 -16.44
C ARG B 74 0.10 -16.15 -17.72
N ASP B 75 -0.13 -15.21 -18.65
CA ASP B 75 0.66 -15.11 -19.87
C ASP B 75 1.07 -13.65 -19.98
N ASN B 76 2.32 -13.37 -19.59
CA ASN B 76 2.78 -11.99 -19.55
C ASN B 76 2.80 -11.36 -20.94
N ALA B 77 3.08 -12.14 -21.98
CA ALA B 77 3.14 -11.59 -23.33
C ALA B 77 1.77 -11.10 -23.79
N LYS B 78 0.70 -11.64 -23.24
CA LYS B 78 -0.66 -11.27 -23.58
C LYS B 78 -1.27 -10.31 -22.57
N ASN B 79 -0.54 -9.97 -21.50
CA ASN B 79 -1.06 -9.13 -20.41
C ASN B 79 -2.34 -9.71 -19.82
N MET B 80 -2.33 -11.03 -19.61
CA MET B 80 -3.51 -11.79 -19.20
C MET B 80 -3.22 -12.68 -18.01
N GLY B 81 -4.17 -12.72 -17.08
CA GLY B 81 -4.23 -13.74 -16.05
C GLY B 81 -5.42 -14.63 -16.33
N TYR B 82 -5.35 -15.86 -15.84
CA TYR B 82 -6.39 -16.86 -16.06
C TYR B 82 -6.72 -17.57 -14.76
N LEU B 83 -7.99 -17.94 -14.61
CA LEU B 83 -8.40 -18.81 -13.52
C LEU B 83 -9.28 -19.90 -14.11
N GLN B 84 -8.73 -21.11 -14.21
CA GLN B 84 -9.48 -22.26 -14.71
C GLN B 84 -10.34 -22.81 -13.59
N LEU B 85 -11.65 -22.91 -13.81
CA LEU B 85 -12.58 -23.42 -12.82
C LEU B 85 -13.05 -24.79 -13.28
N ASN B 86 -12.56 -25.85 -12.65
CA ASN B 86 -13.02 -27.19 -12.94
C ASN B 86 -13.88 -27.72 -11.79
N SER B 87 -14.65 -28.76 -12.11
CA SER B 87 -15.46 -29.46 -11.10
C SER B 87 -16.32 -28.49 -10.30
N LEU B 88 -17.03 -27.62 -11.02
CA LEU B 88 -17.77 -26.56 -10.37
C LEU B 88 -18.93 -27.12 -9.56
N GLU B 89 -19.20 -26.49 -8.42
CA GLU B 89 -20.26 -26.85 -7.49
C GLU B 89 -21.21 -25.68 -7.34
N PRO B 90 -22.47 -25.93 -6.96
CA PRO B 90 -23.40 -24.82 -6.75
C PRO B 90 -22.87 -23.76 -5.78
N GLU B 91 -22.11 -24.18 -4.76
CA GLU B 91 -21.54 -23.25 -3.79
C GLU B 91 -20.45 -22.35 -4.37
N ASP B 92 -20.01 -22.60 -5.61
CA ASP B 92 -19.07 -21.72 -6.28
C ASP B 92 -19.75 -20.54 -6.98
N THR B 93 -21.08 -20.49 -6.98
CA THR B 93 -21.79 -19.38 -7.62
C THR B 93 -21.43 -18.07 -6.95
N ALA B 94 -21.03 -17.08 -7.75
CA ALA B 94 -20.56 -15.80 -7.22
C ALA B 94 -20.18 -14.89 -8.39
N VAL B 95 -19.99 -13.61 -8.06
CA VAL B 95 -19.23 -12.73 -8.95
C VAL B 95 -17.76 -12.92 -8.63
N TYR B 96 -16.97 -13.20 -9.66
CA TYR B 96 -15.54 -13.39 -9.51
C TYR B 96 -14.83 -12.12 -9.98
N TYR B 97 -13.87 -11.66 -9.17
CA TYR B 97 -13.08 -10.45 -9.43
C TYR B 97 -11.61 -10.79 -9.51
N CYS B 98 -10.91 -10.17 -10.46
CA CYS B 98 -9.47 -10.16 -10.43
C CYS B 98 -9.00 -8.81 -9.90
N ALA B 99 -7.83 -8.80 -9.28
CA ALA B 99 -7.27 -7.61 -8.69
C ALA B 99 -5.76 -7.72 -8.77
N MET B 100 -5.06 -6.58 -8.81
CA MET B 100 -3.61 -6.69 -8.84
C MET B 100 -2.93 -5.73 -7.87
N SER B 101 -1.70 -6.11 -7.51
CA SER B 101 -0.89 -5.41 -6.52
C SER B 101 0.55 -5.87 -6.69
N ARG B 102 1.49 -5.03 -6.22
CA ARG B 102 2.86 -5.53 -6.02
C ARG B 102 3.12 -5.98 -4.59
N VAL B 103 2.09 -5.99 -3.73
CA VAL B 103 2.17 -6.59 -2.41
C VAL B 103 1.69 -8.03 -2.50
N ASP B 104 2.38 -8.93 -1.80
CA ASP B 104 2.08 -10.35 -1.82
C ASP B 104 1.18 -10.64 -0.61
N THR B 105 -0.11 -10.85 -0.85
CA THR B 105 -1.05 -11.03 0.25
C THR B 105 -2.38 -11.58 -0.27
N ASP B 106 -3.11 -12.21 0.64
CA ASP B 106 -4.49 -12.59 0.41
C ASP B 106 -5.50 -11.54 0.85
N SER B 107 -5.02 -10.43 1.44
CA SER B 107 -5.95 -9.43 1.95
C SER B 107 -6.36 -8.48 0.84
N PRO B 108 -7.66 -8.27 0.62
CA PRO B 108 -8.08 -7.34 -0.43
C PRO B 108 -7.62 -5.91 -0.18
N ALA B 109 -7.29 -5.56 1.06
CA ALA B 109 -6.97 -4.17 1.40
C ALA B 109 -5.73 -3.65 0.69
N PHE B 110 -4.82 -4.51 0.25
CA PHE B 110 -3.57 -4.08 -0.35
C PHE B 110 -3.58 -4.15 -1.87
N TYR B 111 -4.73 -4.41 -2.48
CA TYR B 111 -4.80 -4.46 -3.94
C TYR B 111 -5.16 -3.08 -4.48
N ASP B 112 -4.53 -2.71 -5.59
CA ASP B 112 -4.64 -1.36 -6.12
C ASP B 112 -5.74 -1.21 -7.15
N TYR B 113 -5.99 -2.26 -7.93
CA TYR B 113 -6.90 -2.21 -9.06
C TYR B 113 -7.78 -3.45 -9.02
N TRP B 114 -9.05 -3.27 -9.37
CA TRP B 114 -10.05 -4.33 -9.38
C TRP B 114 -10.77 -4.32 -10.71
N GLY B 115 -11.07 -5.52 -11.22
CA GLY B 115 -11.98 -5.63 -12.35
C GLY B 115 -13.42 -5.40 -11.93
N GLN B 116 -14.30 -5.32 -12.94
CA GLN B 116 -15.72 -5.12 -12.69
C GLN B 116 -16.44 -6.40 -12.28
N GLY B 117 -15.81 -7.55 -12.43
CA GLY B 117 -16.40 -8.80 -12.00
C GLY B 117 -17.05 -9.55 -13.15
N THR B 118 -17.07 -10.87 -13.05
CA THR B 118 -17.76 -11.71 -14.01
C THR B 118 -18.64 -12.70 -13.24
N GLN B 119 -19.90 -12.83 -13.65
CA GLN B 119 -20.82 -13.72 -12.97
C GLN B 119 -20.57 -15.17 -13.34
N VAL B 120 -20.50 -16.03 -12.33
CA VAL B 120 -20.40 -17.48 -12.49
C VAL B 120 -21.57 -18.08 -11.72
N THR B 121 -22.45 -18.78 -12.44
CA THR B 121 -23.60 -19.45 -11.83
C THR B 121 -23.51 -20.94 -12.13
N VAL B 122 -23.59 -21.75 -11.08
CA VAL B 122 -23.50 -23.21 -11.21
C VAL B 122 -24.82 -23.79 -10.73
N SER B 123 -25.53 -24.43 -11.64
CA SER B 123 -26.84 -24.96 -11.33
C SER B 123 -26.77 -26.45 -11.09
N THR B 124 -27.84 -26.98 -10.51
CA THR B 124 -27.98 -28.43 -10.47
C THR B 124 -28.92 -28.89 -11.56
N PRO B 125 -28.65 -30.03 -12.18
CA PRO B 125 -29.55 -30.52 -13.24
C PRO B 125 -30.87 -30.98 -12.65
N ARG B 126 -31.91 -30.92 -13.49
CA ARG B 126 -33.25 -31.33 -13.08
C ARG B 126 -33.95 -32.06 -14.21
#